data_3EZU
#
_entry.id   3EZU
#
_cell.length_a   74.550
_cell.length_b   76.367
_cell.length_c   64.191
_cell.angle_alpha   90.000
_cell.angle_beta   90.000
_cell.angle_gamma   90.000
#
_symmetry.space_group_name_H-M   'P 21 21 2'
#
loop_
_entity.id
_entity.type
_entity.pdbx_description
1 polymer 'GGDEF domain protein'
2 non-polymer 'UNKNOWN LIGAND'
3 non-polymer 1,2-ETHANEDIOL
4 water water
#
_entity_poly.entity_id   1
_entity_poly.type   'polypeptide(L)'
_entity_poly.pdbx_seq_one_letter_code
;G(MSE)SGDILNDIVAACLELERKASSVFK(MSE)FAAHAGSDEARRFWETVADETRHHSAVYERLQERGGRENLPIIIY
KPAETLEELE(MSE)IGKSIDEQVERYTEAPSSEAACLLGFRLQLYLLHPAFASLCRLTRDASGEDLPDIGYGRYLRRFI
DGIGSCGLATAETELLGEALFRLWNEARQLAAQSHFDALTGV(MSE)TRAGFFKTVGSLAYAAQRSGSNVGI(MSE)LID
LDYFKLVGDNYGHQTGDRILQLVAETITSHLRRSDVVGRYDGDEFVVYLSPVEPASLRTVAENLRRSIEEESAR(MSE)V
PVTASIGVAQGILGTDVDGGIEELVRLADECL(MSE)QAKYTGKNKVVVK
;
_entity_poly.pdbx_strand_id   A
#
# COMPACT_ATOMS: atom_id res chain seq x y z
N GLY A 1 10.78 -20.07 3.89
CA GLY A 1 10.79 -18.97 4.90
C GLY A 1 9.39 -18.45 5.16
N SER A 3 8.52 -15.40 5.93
CA SER A 3 8.40 -14.13 5.20
C SER A 3 8.06 -14.34 3.72
N GLY A 4 8.73 -15.31 3.07
CA GLY A 4 8.43 -15.65 1.68
C GLY A 4 7.02 -16.22 1.53
N ASP A 5 6.68 -17.17 2.42
CA ASP A 5 5.33 -17.74 2.49
C ASP A 5 4.28 -16.64 2.54
N ILE A 6 4.53 -15.66 3.41
CA ILE A 6 3.62 -14.54 3.56
C ILE A 6 3.42 -13.84 2.24
N LEU A 7 4.50 -13.52 1.54
CA LEU A 7 4.38 -12.79 0.28
C LEU A 7 3.60 -13.62 -0.72
N ASN A 8 3.93 -14.91 -0.80
CA ASN A 8 3.18 -15.82 -1.68
C ASN A 8 1.72 -15.90 -1.30
N ASP A 9 1.41 -15.95 0.00
CA ASP A 9 0.04 -15.94 0.46
C ASP A 9 -0.69 -14.63 0.18
N ILE A 10 0.01 -13.49 0.15
CA ILE A 10 -0.62 -12.23 -0.26
C ILE A 10 -1.01 -12.24 -1.75
N VAL A 11 -0.11 -12.69 -2.60
CA VAL A 11 -0.45 -12.87 -4.02
C VAL A 11 -1.69 -13.79 -4.17
N ALA A 12 -1.68 -14.96 -3.51
CA ALA A 12 -2.84 -15.85 -3.52
C ALA A 12 -4.09 -15.17 -3.00
N ALA A 13 -3.96 -14.40 -1.90
CA ALA A 13 -5.12 -13.75 -1.32
C ALA A 13 -5.75 -12.73 -2.29
N CYS A 14 -4.92 -11.93 -2.94
CA CYS A 14 -5.47 -10.94 -3.90
C CYS A 14 -6.20 -11.59 -5.07
N LEU A 15 -5.61 -12.69 -5.56
CA LEU A 15 -6.17 -13.50 -6.60
C LEU A 15 -7.53 -14.04 -6.17
N GLU A 16 -7.58 -14.65 -4.99
CA GLU A 16 -8.85 -15.21 -4.47
C GLU A 16 -9.92 -14.12 -4.26
N LEU A 17 -9.50 -12.97 -3.73
CA LEU A 17 -10.43 -11.87 -3.43
C LEU A 17 -11.07 -11.31 -4.72
N GLU A 18 -10.32 -11.15 -5.79
CA GLU A 18 -10.92 -10.67 -7.03
C GLU A 18 -11.79 -11.73 -7.67
N ARG A 19 -11.33 -12.99 -7.61
CA ARG A 19 -12.20 -14.07 -8.04
C ARG A 19 -13.49 -14.08 -7.26
N LYS A 20 -13.39 -13.95 -5.94
CA LYS A 20 -14.59 -13.99 -5.12
C LYS A 20 -15.52 -12.81 -5.43
N ALA A 21 -14.94 -11.63 -5.62
CA ALA A 21 -15.76 -10.49 -6.00
C ALA A 21 -16.49 -10.77 -7.34
N SER A 22 -15.76 -11.34 -8.28
CA SER A 22 -16.33 -11.70 -9.59
C SER A 22 -17.51 -12.68 -9.44
N SER A 23 -17.28 -13.70 -8.61
CA SER A 23 -18.32 -14.65 -8.27
C SER A 23 -19.58 -14.02 -7.70
N VAL A 24 -19.41 -13.08 -6.78
CA VAL A 24 -20.55 -12.39 -6.17
C VAL A 24 -21.29 -11.60 -7.23
N PHE A 25 -20.56 -10.87 -8.06
CA PHE A 25 -21.20 -10.16 -9.18
C PHE A 25 -22.01 -11.07 -10.13
N LYS A 26 -21.50 -12.29 -10.38
CA LYS A 26 -22.19 -13.24 -11.24
C LYS A 26 -23.49 -13.71 -10.60
N PHE A 28 -25.20 -11.76 -8.45
CA PHE A 28 -26.11 -10.63 -8.67
C PHE A 28 -26.72 -10.63 -10.09
N ALA A 29 -25.91 -10.96 -11.10
CA ALA A 29 -26.39 -11.03 -12.46
C ALA A 29 -27.51 -12.08 -12.57
N ALA A 30 -27.30 -13.26 -12.01
CA ALA A 30 -28.34 -14.32 -12.04
C ALA A 30 -29.62 -13.93 -11.28
N HIS A 31 -29.50 -13.12 -10.24
CA HIS A 31 -30.66 -12.63 -9.50
C HIS A 31 -31.30 -11.35 -10.04
N ALA A 32 -30.73 -10.77 -11.08
CA ALA A 32 -31.12 -9.45 -11.52
C ALA A 32 -32.57 -9.40 -12.02
N GLY A 33 -33.26 -8.30 -11.75
CA GLY A 33 -34.63 -8.13 -12.22
C GLY A 33 -34.77 -7.73 -13.68
N SER A 34 -33.76 -7.07 -14.26
CA SER A 34 -33.83 -6.62 -15.64
C SER A 34 -32.61 -7.07 -16.44
N ASP A 35 -32.75 -7.12 -17.76
CA ASP A 35 -31.64 -7.39 -18.65
C ASP A 35 -30.55 -6.35 -18.46
N GLU A 36 -30.98 -5.10 -18.30
CA GLU A 36 -30.10 -3.97 -18.03
CA GLU A 36 -30.04 -4.00 -18.07
C GLU A 36 -29.17 -4.26 -16.82
N ALA A 37 -29.79 -4.66 -15.71
CA ALA A 37 -29.03 -4.96 -14.50
C ALA A 37 -28.19 -6.27 -14.59
N ARG A 38 -28.77 -7.32 -15.18
CA ARG A 38 -28.05 -8.55 -15.45
C ARG A 38 -26.75 -8.28 -16.20
N ARG A 39 -26.82 -7.51 -17.26
CA ARG A 39 -25.63 -7.26 -18.07
C ARG A 39 -24.65 -6.32 -17.40
N PHE A 40 -25.16 -5.43 -16.53
CA PHE A 40 -24.27 -4.62 -15.72
C PHE A 40 -23.40 -5.53 -14.87
N TRP A 41 -24.04 -6.42 -14.11
CA TRP A 41 -23.30 -7.29 -13.18
C TRP A 41 -22.41 -8.30 -13.91
N GLU A 42 -22.89 -8.88 -15.02
CA GLU A 42 -22.04 -9.77 -15.81
C GLU A 42 -20.75 -9.06 -16.31
N THR A 43 -20.90 -7.82 -16.78
CA THR A 43 -19.74 -7.04 -17.26
C THR A 43 -18.75 -6.73 -16.14
N VAL A 44 -19.24 -6.30 -15.00
CA VAL A 44 -18.36 -6.10 -13.85
C VAL A 44 -17.67 -7.40 -13.43
N ALA A 45 -18.41 -8.51 -13.38
CA ALA A 45 -17.85 -9.85 -13.14
C ALA A 45 -16.69 -10.17 -14.09
N ASP A 46 -16.98 -10.06 -15.39
CA ASP A 46 -16.01 -10.32 -16.44
C ASP A 46 -14.76 -9.44 -16.31
N GLU A 47 -14.94 -8.13 -16.11
CA GLU A 47 -13.82 -7.21 -15.96
C GLU A 47 -12.95 -7.57 -14.75
N THR A 48 -13.60 -7.96 -13.65
CA THR A 48 -12.89 -8.30 -12.42
C THR A 48 -12.09 -9.64 -12.57
N ARG A 49 -12.74 -10.68 -13.09
CA ARG A 49 -12.05 -11.90 -13.45
C ARG A 49 -10.86 -11.68 -14.41
N HIS A 50 -11.08 -10.94 -15.50
CA HIS A 50 -10.02 -10.64 -16.47
C HIS A 50 -8.89 -9.98 -15.68
N HIS A 51 -9.22 -9.00 -14.83
CA HIS A 51 -8.16 -8.31 -14.12
C HIS A 51 -7.32 -9.26 -13.23
N SER A 52 -7.99 -10.20 -12.57
CA SER A 52 -7.33 -11.16 -11.65
C SER A 52 -6.23 -11.99 -12.29
N ALA A 53 -6.26 -12.12 -13.61
CA ALA A 53 -5.18 -12.76 -14.35
C ALA A 53 -3.81 -12.16 -14.04
N VAL A 54 -3.75 -10.88 -13.70
CA VAL A 54 -2.48 -10.25 -13.31
C VAL A 54 -1.76 -11.06 -12.20
N TYR A 55 -2.52 -11.52 -11.22
CA TYR A 55 -1.95 -12.24 -10.06
C TYR A 55 -1.53 -13.66 -10.47
N GLU A 56 -2.33 -14.30 -11.34
CA GLU A 56 -1.99 -15.59 -11.97
C GLU A 56 -0.66 -15.53 -12.68
N ARG A 57 -0.44 -14.45 -13.43
CA ARG A 57 0.81 -14.25 -14.15
C ARG A 57 1.96 -14.05 -13.20
N LEU A 58 1.72 -13.36 -12.10
CA LEU A 58 2.76 -13.25 -11.10
C LEU A 58 3.13 -14.61 -10.51
N GLN A 59 2.13 -15.45 -10.23
CA GLN A 59 2.45 -16.82 -9.72
C GLN A 59 3.22 -17.66 -10.74
N GLU A 60 2.82 -17.62 -12.01
CA GLU A 60 3.46 -18.40 -13.07
C GLU A 60 4.90 -17.98 -13.20
N ARG A 61 5.08 -16.68 -13.40
CA ARG A 61 6.39 -16.08 -13.54
C ARG A 61 7.25 -16.38 -12.33
N GLY A 62 6.69 -16.20 -11.14
CA GLY A 62 7.40 -16.47 -9.89
C GLY A 62 7.82 -17.92 -9.70
N GLY A 63 7.22 -18.85 -10.45
CA GLY A 63 7.70 -20.24 -10.48
C GLY A 63 8.79 -20.53 -11.51
N ARG A 64 9.06 -19.57 -12.38
CA ARG A 64 10.12 -19.72 -13.39
C ARG A 64 11.41 -18.94 -13.04
N GLU A 65 11.27 -17.89 -12.22
CA GLU A 65 12.38 -17.01 -11.87
C GLU A 65 12.11 -16.40 -10.51
N ASN A 66 13.16 -15.95 -9.85
CA ASN A 66 13.02 -15.29 -8.54
C ASN A 66 12.48 -13.85 -8.74
N LEU A 67 11.23 -13.65 -8.38
CA LEU A 67 10.53 -12.41 -8.67
C LEU A 67 10.18 -11.66 -7.35
N PRO A 68 10.94 -10.58 -7.01
CA PRO A 68 10.69 -9.91 -5.72
C PRO A 68 9.24 -9.45 -5.58
N ILE A 69 8.54 -9.90 -4.55
CA ILE A 69 7.19 -9.43 -4.27
C ILE A 69 7.34 -8.31 -3.24
N ILE A 70 6.90 -7.11 -3.59
CA ILE A 70 7.14 -5.90 -2.78
C ILE A 70 5.84 -5.42 -2.16
N ILE A 71 5.74 -5.52 -0.82
CA ILE A 71 4.52 -5.25 -0.08
C ILE A 71 4.86 -4.43 1.17
N TYR A 72 4.09 -3.38 1.44
CA TYR A 72 4.16 -2.66 2.72
C TYR A 72 3.65 -3.50 3.91
N LYS A 73 4.52 -3.73 4.90
CA LYS A 73 4.19 -4.51 6.11
C LYS A 73 3.43 -5.83 5.81
N PRO A 74 4.15 -6.81 5.30
CA PRO A 74 3.54 -8.05 4.80
C PRO A 74 2.58 -8.77 5.80
N ALA A 75 3.04 -9.02 7.02
CA ALA A 75 2.22 -9.73 8.00
C ALA A 75 0.89 -9.04 8.24
N GLU A 76 0.91 -7.72 8.44
CA GLU A 76 -0.30 -6.98 8.69
C GLU A 76 -1.16 -6.96 7.41
N THR A 77 -0.52 -6.89 6.26
CA THR A 77 -1.27 -6.85 5.02
C THR A 77 -2.01 -8.16 4.82
N LEU A 78 -1.33 -9.28 5.10
CA LEU A 78 -1.98 -10.56 4.92
C LEU A 78 -3.20 -10.70 5.85
N GLU A 79 -3.04 -10.31 7.11
CA GLU A 79 -4.16 -10.35 8.08
C GLU A 79 -5.33 -9.48 7.58
N GLU A 80 -5.03 -8.30 7.04
CA GLU A 80 -6.12 -7.43 6.52
C GLU A 80 -6.92 -8.11 5.37
N LEU A 81 -6.18 -8.73 4.45
CA LEU A 81 -6.76 -9.39 3.30
C LEU A 81 -7.57 -10.63 3.70
N GLU A 82 -7.08 -11.40 4.69
CA GLU A 82 -7.84 -12.51 5.24
C GLU A 82 -9.13 -12.04 5.90
N ILE A 84 -10.71 -9.21 5.23
CA ILE A 84 -11.56 -8.79 4.14
C ILE A 84 -12.33 -10.00 3.59
N GLY A 85 -11.65 -11.12 3.39
CA GLY A 85 -12.32 -12.36 2.93
C GLY A 85 -13.43 -12.79 3.88
N LYS A 86 -13.08 -12.80 5.16
CA LYS A 86 -14.01 -13.15 6.22
C LYS A 86 -15.24 -12.26 6.23
N SER A 87 -15.04 -10.95 6.12
CA SER A 87 -16.17 -10.01 6.05
C SER A 87 -17.02 -10.27 4.81
N ILE A 88 -16.38 -10.40 3.65
CA ILE A 88 -17.13 -10.71 2.43
C ILE A 88 -18.04 -11.93 2.60
N ASP A 89 -17.49 -13.02 3.11
CA ASP A 89 -18.22 -14.27 3.36
C ASP A 89 -19.39 -14.05 4.32
N GLU A 90 -19.16 -13.29 5.40
CA GLU A 90 -20.26 -12.93 6.28
C GLU A 90 -21.36 -12.15 5.54
N GLN A 91 -20.97 -11.20 4.70
CA GLN A 91 -21.96 -10.36 4.01
C GLN A 91 -22.67 -11.15 2.92
N VAL A 92 -21.95 -12.08 2.30
CA VAL A 92 -22.56 -12.95 1.29
C VAL A 92 -23.59 -13.88 1.95
N GLU A 93 -23.27 -14.35 3.14
CA GLU A 93 -24.21 -15.15 3.92
C GLU A 93 -25.47 -14.34 4.28
N ARG A 94 -25.30 -13.06 4.65
CA ARG A 94 -26.44 -12.18 4.95
C ARG A 94 -27.27 -12.01 3.66
N TYR A 95 -26.59 -11.77 2.55
CA TYR A 95 -27.28 -11.70 1.25
C TYR A 95 -28.06 -12.97 0.94
N THR A 96 -27.42 -14.12 1.11
CA THR A 96 -28.04 -15.43 0.80
C THR A 96 -29.28 -15.64 1.65
N GLU A 97 -29.21 -15.23 2.91
CA GLU A 97 -30.38 -15.30 3.80
C GLU A 97 -31.54 -14.43 3.32
N ALA A 98 -31.28 -13.31 2.65
CA ALA A 98 -32.37 -12.44 2.19
C ALA A 98 -32.00 -11.69 0.92
N PRO A 99 -31.92 -12.41 -0.19
CA PRO A 99 -31.43 -11.75 -1.40
C PRO A 99 -32.38 -10.65 -1.87
N SER A 100 -31.86 -9.57 -2.41
CA SER A 100 -32.69 -8.56 -3.06
C SER A 100 -31.77 -7.67 -3.83
N SER A 101 -32.33 -6.89 -4.74
CA SER A 101 -31.56 -5.93 -5.52
C SER A 101 -30.89 -4.90 -4.63
N GLU A 102 -31.58 -4.56 -3.55
CA GLU A 102 -31.06 -3.59 -2.62
C GLU A 102 -29.90 -4.15 -1.82
N ALA A 103 -30.01 -5.41 -1.41
CA ALA A 103 -28.91 -6.04 -0.68
C ALA A 103 -27.69 -6.17 -1.62
N ALA A 104 -27.93 -6.51 -2.88
CA ALA A 104 -26.84 -6.63 -3.86
C ALA A 104 -26.08 -5.28 -4.11
N CYS A 105 -26.84 -4.22 -4.26
CA CYS A 105 -26.32 -2.88 -4.38
C CYS A 105 -25.32 -2.54 -3.24
N LEU A 106 -25.78 -2.71 -2.02
CA LEU A 106 -25.00 -2.39 -0.83
C LEU A 106 -23.74 -3.27 -0.74
N LEU A 107 -23.86 -4.57 -1.05
CA LEU A 107 -22.69 -5.47 -1.01
C LEU A 107 -21.71 -5.15 -2.16
N GLY A 108 -22.25 -4.73 -3.31
CA GLY A 108 -21.43 -4.28 -4.46
C GLY A 108 -20.58 -3.08 -4.08
N PHE A 109 -21.18 -2.12 -3.42
CA PHE A 109 -20.44 -0.97 -2.93
C PHE A 109 -19.39 -1.35 -1.89
N ARG A 110 -19.72 -2.28 -1.01
CA ARG A 110 -18.77 -2.76 -0.01
C ARG A 110 -17.56 -3.40 -0.68
N LEU A 111 -17.80 -4.23 -1.69
CA LEU A 111 -16.69 -4.77 -2.47
C LEU A 111 -15.82 -3.68 -3.11
N GLN A 112 -16.48 -2.67 -3.66
CA GLN A 112 -15.80 -1.52 -4.27
C GLN A 112 -14.85 -0.84 -3.28
N LEU A 113 -15.29 -0.72 -2.02
CA LEU A 113 -14.43 -0.16 -0.96
C LEU A 113 -13.33 -1.13 -0.61
N TYR A 114 -13.71 -2.37 -0.31
CA TYR A 114 -12.76 -3.32 0.26
C TYR A 114 -11.56 -3.56 -0.65
N LEU A 115 -11.82 -3.74 -1.95
CA LEU A 115 -10.78 -4.09 -2.89
C LEU A 115 -9.92 -2.92 -3.36
N LEU A 116 -10.13 -1.75 -2.74
CA LEU A 116 -9.15 -0.65 -2.82
C LEU A 116 -7.88 -0.89 -1.98
N HIS A 117 -7.82 -1.98 -1.23
CA HIS A 117 -6.65 -2.25 -0.40
C HIS A 117 -5.38 -2.05 -1.22
N PRO A 118 -4.38 -1.37 -0.66
CA PRO A 118 -3.12 -1.11 -1.37
C PRO A 118 -2.36 -2.29 -1.95
N ALA A 119 -2.58 -3.48 -1.41
CA ALA A 119 -1.86 -4.68 -1.82
C ALA A 119 -2.06 -4.97 -3.28
N PHE A 120 -3.29 -4.79 -3.75
CA PHE A 120 -3.66 -5.10 -5.14
C PHE A 120 -2.77 -4.37 -6.14
N ALA A 121 -2.69 -3.05 -6.02
CA ALA A 121 -1.87 -2.27 -6.94
C ALA A 121 -0.38 -2.49 -6.66
N SER A 122 0.01 -2.72 -5.41
CA SER A 122 1.41 -2.95 -5.09
CA SER A 122 1.43 -2.95 -5.11
C SER A 122 1.95 -4.15 -5.88
N LEU A 123 1.10 -5.17 -6.04
CA LEU A 123 1.42 -6.29 -6.92
C LEU A 123 1.26 -5.98 -8.45
N CYS A 124 0.21 -5.26 -8.87
CA CYS A 124 -0.01 -4.98 -10.31
C CYS A 124 1.14 -4.22 -10.92
N ARG A 125 1.81 -3.38 -10.11
CA ARG A 125 2.85 -2.52 -10.65
C ARG A 125 4.18 -3.23 -10.84
N LEU A 126 4.27 -4.46 -10.36
CA LEU A 126 5.52 -5.19 -10.45
C LEU A 126 6.02 -5.33 -11.92
N THR A 127 5.13 -5.77 -12.81
CA THR A 127 5.51 -5.93 -14.22
C THR A 127 5.57 -4.59 -14.99
N ARG A 128 4.67 -3.66 -14.68
CA ARG A 128 4.69 -2.32 -15.30
C ARG A 128 5.99 -1.58 -14.96
N ASP A 129 6.37 -1.67 -13.68
CA ASP A 129 7.68 -1.21 -13.21
C ASP A 129 8.81 -1.88 -13.99
N ALA A 130 8.68 -3.19 -14.23
CA ALA A 130 9.66 -4.00 -14.99
C ALA A 130 10.00 -3.42 -16.37
N SER A 131 8.99 -3.08 -17.15
CA SER A 131 9.18 -2.43 -18.45
C SER A 131 7.93 -1.67 -18.89
N GLU A 133 5.49 0.61 -19.96
CA GLU A 133 6.22 1.34 -18.91
C GLU A 133 5.27 2.12 -17.97
N ASP A 134 4.33 2.92 -18.49
CA ASP A 134 3.34 3.53 -17.57
C ASP A 134 1.87 3.08 -17.73
N LEU A 135 1.00 3.70 -16.93
CA LEU A 135 -0.41 3.36 -16.88
C LEU A 135 -1.07 3.66 -18.21
N PRO A 136 -1.99 2.77 -18.64
CA PRO A 136 -2.69 3.01 -19.89
C PRO A 136 -3.76 4.08 -19.72
N ASP A 137 -4.02 4.80 -20.80
CA ASP A 137 -5.11 5.75 -20.86
C ASP A 137 -6.44 4.96 -20.82
N ILE A 138 -7.27 5.23 -19.84
CA ILE A 138 -8.59 4.59 -19.73
C ILE A 138 -9.66 5.25 -20.64
N GLY A 139 -9.46 6.51 -20.96
CA GLY A 139 -10.37 7.21 -21.84
C GLY A 139 -11.72 7.56 -21.23
N TYR A 140 -11.74 8.10 -20.00
CA TYR A 140 -12.96 8.69 -19.40
C TYR A 140 -13.73 9.48 -20.47
N GLY A 141 -13.02 10.30 -21.22
CA GLY A 141 -13.60 11.16 -22.25
C GLY A 141 -14.29 10.39 -23.37
N ARG A 142 -13.73 9.25 -23.75
CA ARG A 142 -14.31 8.44 -24.84
C ARG A 142 -15.55 7.72 -24.36
N TYR A 143 -15.49 7.18 -23.15
CA TYR A 143 -16.71 6.66 -22.50
C TYR A 143 -17.79 7.73 -22.41
N LEU A 144 -17.41 8.91 -21.91
CA LEU A 144 -18.40 10.02 -21.79
C LEU A 144 -19.07 10.33 -23.14
N ARG A 145 -18.28 10.45 -24.19
CA ARG A 145 -18.81 10.77 -25.52
C ARG A 145 -19.84 9.76 -25.98
N ARG A 146 -19.59 8.49 -25.70
CA ARG A 146 -20.60 7.47 -25.99
C ARG A 146 -21.90 7.66 -25.20
N PHE A 147 -21.79 7.98 -23.91
CA PHE A 147 -22.99 8.25 -23.13
C PHE A 147 -23.71 9.49 -23.64
N ILE A 148 -22.96 10.54 -23.95
CA ILE A 148 -23.57 11.76 -24.48
C ILE A 148 -24.28 11.49 -25.80
N ASP A 149 -23.65 10.72 -26.68
CA ASP A 149 -24.26 10.43 -28.00
C ASP A 149 -25.48 9.54 -27.87
N GLY A 150 -25.60 8.81 -26.77
CA GLY A 150 -26.79 8.01 -26.48
C GLY A 150 -27.98 8.75 -25.89
N ILE A 151 -27.84 10.04 -25.57
CA ILE A 151 -28.95 10.79 -24.96
C ILE A 151 -30.08 10.82 -25.98
N GLY A 152 -31.27 10.42 -25.55
CA GLY A 152 -32.42 10.33 -26.45
C GLY A 152 -32.52 9.06 -27.30
N SER A 153 -31.61 8.11 -27.14
CA SER A 153 -31.60 6.88 -27.95
C SER A 153 -32.75 5.94 -27.57
N CYS A 154 -32.95 4.89 -28.35
CA CYS A 154 -33.85 3.82 -27.94
C CYS A 154 -33.22 2.48 -28.22
N GLY A 155 -33.58 1.51 -27.39
CA GLY A 155 -33.10 0.15 -27.52
C GLY A 155 -31.69 -0.08 -26.99
N LEU A 156 -31.05 0.94 -26.42
CA LEU A 156 -29.63 0.81 -26.04
C LEU A 156 -29.40 0.82 -24.52
N ALA A 157 -30.43 0.55 -23.72
CA ALA A 157 -30.31 0.54 -22.27
C ALA A 157 -29.27 -0.47 -21.83
N THR A 158 -29.32 -1.66 -22.41
CA THR A 158 -28.40 -2.74 -22.05
C THR A 158 -26.94 -2.46 -22.53
N ALA A 159 -26.76 -2.00 -23.77
CA ALA A 159 -25.43 -1.62 -24.26
C ALA A 159 -24.83 -0.53 -23.35
N GLU A 160 -25.66 0.40 -22.85
CA GLU A 160 -25.16 1.42 -21.93
C GLU A 160 -24.73 0.89 -20.58
N THR A 161 -25.47 -0.06 -20.01
CA THR A 161 -25.09 -0.59 -18.69
C THR A 161 -23.86 -1.47 -18.83
N GLU A 162 -23.71 -2.14 -19.97
CA GLU A 162 -22.43 -2.83 -20.24
C GLU A 162 -21.27 -1.85 -20.34
N LEU A 163 -21.44 -0.77 -21.08
CA LEU A 163 -20.42 0.26 -21.09
C LEU A 163 -20.14 0.82 -19.69
N LEU A 164 -21.20 1.06 -18.89
CA LEU A 164 -21.02 1.61 -17.53
C LEU A 164 -20.17 0.69 -16.64
N GLY A 165 -20.49 -0.59 -16.68
CA GLY A 165 -19.74 -1.61 -15.93
C GLY A 165 -18.27 -1.63 -16.31
N GLU A 166 -17.99 -1.56 -17.59
CA GLU A 166 -16.61 -1.55 -18.05
C GLU A 166 -15.87 -0.26 -17.63
N ALA A 167 -16.46 0.90 -17.96
CA ALA A 167 -15.85 2.19 -17.57
C ALA A 167 -15.57 2.23 -16.05
N LEU A 168 -16.52 1.79 -15.25
CA LEU A 168 -16.36 1.88 -13.83
C LEU A 168 -15.26 0.95 -13.32
N PHE A 169 -15.17 -0.28 -13.83
CA PHE A 169 -14.12 -1.16 -13.32
C PHE A 169 -12.77 -0.55 -13.65
N ARG A 170 -12.60 -0.10 -14.90
CA ARG A 170 -11.32 0.36 -15.33
C ARG A 170 -10.91 1.68 -14.68
N LEU A 171 -11.86 2.59 -14.44
CA LEU A 171 -11.49 3.85 -13.77
C LEU A 171 -11.23 3.64 -12.27
N TRP A 172 -11.99 2.75 -11.65
CA TRP A 172 -11.75 2.31 -10.28
C TRP A 172 -10.38 1.65 -10.18
N ASN A 173 -10.05 0.79 -11.10
CA ASN A 173 -8.72 0.17 -11.10
C ASN A 173 -7.60 1.19 -11.28
N GLU A 174 -7.82 2.15 -12.16
CA GLU A 174 -6.88 3.27 -12.33
C GLU A 174 -6.66 4.03 -11.01
N ALA A 175 -7.74 4.26 -10.29
CA ALA A 175 -7.67 4.90 -8.99
C ALA A 175 -6.74 4.13 -8.05
N ARG A 176 -6.86 2.79 -8.03
CA ARG A 176 -5.92 1.97 -7.21
C ARG A 176 -4.48 2.20 -7.61
N GLN A 177 -4.24 2.20 -8.91
CA GLN A 177 -2.88 2.32 -9.44
C GLN A 177 -2.32 3.72 -9.19
N LEU A 178 -3.17 4.74 -9.31
CA LEU A 178 -2.73 6.12 -9.03
C LEU A 178 -2.41 6.36 -7.53
N ALA A 179 -3.24 5.80 -6.67
CA ALA A 179 -3.00 5.86 -5.22
C ALA A 179 -1.69 5.23 -4.86
N ALA A 180 -1.39 4.08 -5.49
CA ALA A 180 -0.16 3.37 -5.21
C ALA A 180 1.05 4.21 -5.66
N GLN A 181 0.97 4.76 -6.86
CA GLN A 181 2.06 5.58 -7.40
C GLN A 181 2.30 6.81 -6.54
N SER A 182 1.23 7.42 -6.06
CA SER A 182 1.38 8.55 -5.16
C SER A 182 1.88 8.18 -3.73
N HIS A 183 1.45 7.06 -3.15
CA HIS A 183 1.68 6.82 -1.73
C HIS A 183 2.83 5.91 -1.37
N PHE A 184 3.18 5.00 -2.27
CA PHE A 184 4.16 3.93 -1.99
C PHE A 184 5.33 3.89 -2.94
N ASP A 185 6.51 3.67 -2.37
CA ASP A 185 7.75 3.51 -3.10
C ASP A 185 7.79 2.18 -3.91
N ALA A 186 8.04 2.28 -5.22
CA ALA A 186 8.15 1.07 -6.12
C ALA A 186 9.23 0.10 -5.69
N LEU A 187 10.43 0.61 -5.47
CA LEU A 187 11.57 -0.23 -5.17
C LEU A 187 11.41 -1.00 -3.84
N THR A 188 11.11 -0.27 -2.77
CA THR A 188 11.22 -0.84 -1.43
C THR A 188 9.89 -1.24 -0.82
N GLY A 189 8.80 -0.69 -1.34
CA GLY A 189 7.46 -0.89 -0.81
C GLY A 189 7.12 -0.03 0.43
N VAL A 190 8.08 0.69 1.01
CA VAL A 190 7.76 1.66 2.09
C VAL A 190 7.00 2.83 1.45
N THR A 192 6.14 6.55 -0.05
CA THR A 192 6.88 7.65 -0.68
C THR A 192 7.07 8.71 0.37
N ARG A 193 7.98 9.64 0.14
CA ARG A 193 8.14 10.76 1.05
CA ARG A 193 8.15 10.77 1.04
C ARG A 193 6.80 11.46 1.23
N ALA A 194 6.13 11.77 0.13
CA ALA A 194 4.88 12.52 0.25
C ALA A 194 3.81 11.66 0.94
N GLY A 195 3.75 10.39 0.60
CA GLY A 195 2.73 9.54 1.19
C GLY A 195 2.96 9.46 2.70
N PHE A 196 4.22 9.30 3.10
CA PHE A 196 4.58 9.25 4.51
C PHE A 196 4.09 10.48 5.28
N PHE A 197 4.37 11.68 4.77
CA PHE A 197 3.89 12.90 5.46
C PHE A 197 2.38 13.11 5.41
N LYS A 198 1.73 12.64 4.37
CA LYS A 198 0.26 12.72 4.33
C LYS A 198 -0.31 11.78 5.42
N THR A 199 0.25 10.59 5.56
CA THR A 199 -0.24 9.62 6.56
C THR A 199 0.07 10.09 7.97
N VAL A 200 1.29 10.57 8.14
CA VAL A 200 1.75 11.08 9.42
C VAL A 200 1.00 12.36 9.87
N GLY A 201 0.65 13.27 8.95
CA GLY A 201 -0.17 14.44 9.25
C GLY A 201 -1.39 14.09 10.08
N SER A 202 -2.13 13.11 9.59
CA SER A 202 -3.34 12.70 10.24
C SER A 202 -3.12 12.03 11.59
N LEU A 203 -2.09 11.19 11.67
CA LEU A 203 -1.74 10.55 12.93
C LEU A 203 -1.27 11.58 13.95
N ALA A 204 -0.55 12.60 13.47
CA ALA A 204 -0.02 13.64 14.34
C ALA A 204 -1.11 14.46 14.98
N TYR A 205 -2.16 14.81 14.22
CA TYR A 205 -3.34 15.50 14.79
C TYR A 205 -3.96 14.70 15.94
N ALA A 206 -4.13 13.39 15.75
CA ALA A 206 -4.64 12.52 16.84
C ALA A 206 -3.66 12.50 18.03
N ALA A 207 -2.36 12.49 17.74
CA ALA A 207 -1.33 12.47 18.79
C ALA A 207 -1.45 13.74 19.65
N GLN A 208 -1.62 14.86 18.96
CA GLN A 208 -1.69 16.15 19.63
C GLN A 208 -2.90 16.23 20.57
N ARG A 209 -4.03 15.70 20.11
CA ARG A 209 -5.22 15.65 20.93
C ARG A 209 -5.06 14.80 22.20
N SER A 210 -4.30 13.71 22.14
CA SER A 210 -4.11 12.85 23.30
C SER A 210 -2.87 13.25 24.15
N GLY A 211 -2.07 14.19 23.65
CA GLY A 211 -0.82 14.58 24.29
C GLY A 211 0.26 13.51 24.22
N SER A 212 0.19 12.66 23.19
CA SER A 212 1.11 11.53 23.06
C SER A 212 2.49 12.06 22.66
N ASN A 213 3.53 11.43 23.18
CA ASN A 213 4.89 11.65 22.68
CA ASN A 213 4.90 11.62 22.67
C ASN A 213 5.05 10.94 21.34
N VAL A 214 5.58 11.64 20.35
CA VAL A 214 5.89 11.01 19.08
C VAL A 214 7.34 11.26 18.68
N GLY A 215 7.81 10.48 17.73
CA GLY A 215 9.21 10.53 17.28
C GLY A 215 9.36 10.42 15.79
N ILE A 216 10.45 11.00 15.31
CA ILE A 216 10.89 10.92 13.93
C ILE A 216 12.29 10.40 13.95
N LEU A 218 15.53 9.07 11.45
CA LEU A 218 16.10 9.14 10.10
C LEU A 218 17.25 8.13 10.07
N ILE A 219 17.26 7.29 9.04
CA ILE A 219 18.20 6.17 8.96
C ILE A 219 18.96 6.37 7.65
N ASP A 220 20.29 6.52 7.78
CA ASP A 220 21.19 6.61 6.63
C ASP A 220 22.06 5.35 6.55
N LEU A 221 22.17 4.81 5.35
CA LEU A 221 22.97 3.63 5.11
C LEU A 221 24.26 3.99 4.43
N ASP A 222 25.33 3.43 4.95
CA ASP A 222 26.58 3.42 4.22
C ASP A 222 27.06 1.98 3.97
N TYR A 223 27.29 1.66 2.71
CA TYR A 223 27.80 0.35 2.27
C TYR A 223 29.03 0.60 1.42
N PHE A 224 29.90 -0.41 1.31
CA PHE A 224 31.11 -0.20 0.58
C PHE A 224 30.79 0.33 -0.81
N LYS A 225 31.53 1.33 -1.23
CA LYS A 225 31.44 1.82 -2.58
C LYS A 225 32.84 1.86 -3.20
N LEU A 226 32.90 1.63 -4.49
CA LEU A 226 33.96 2.08 -5.34
C LEU A 226 33.71 3.56 -5.65
N VAL A 227 34.68 4.21 -6.25
CA VAL A 227 34.66 5.64 -6.51
C VAL A 227 33.70 5.98 -7.64
N GLY A 228 32.98 7.06 -7.50
CA GLY A 228 31.94 7.45 -8.46
C GLY A 228 30.69 6.60 -8.29
N GLN A 234 21.98 -0.24 -8.48
CA GLN A 234 21.84 -1.67 -8.76
C GLN A 234 21.91 -2.51 -7.47
N THR A 235 23.05 -2.48 -6.80
CA THR A 235 23.23 -3.19 -5.52
C THR A 235 22.81 -2.29 -4.34
N GLY A 236 22.86 -0.97 -4.58
CA GLY A 236 22.29 0.01 -3.68
C GLY A 236 20.79 -0.24 -3.60
N ASP A 237 20.17 -0.43 -4.75
CA ASP A 237 18.74 -0.79 -4.82
C ASP A 237 18.45 -2.01 -3.99
N ARG A 238 19.31 -3.03 -4.11
CA ARG A 238 19.03 -4.30 -3.45
C ARG A 238 19.23 -4.21 -1.93
N ILE A 239 20.28 -3.52 -1.50
CA ILE A 239 20.46 -3.14 -0.11
C ILE A 239 19.22 -2.42 0.46
N LEU A 240 18.74 -1.40 -0.25
CA LEU A 240 17.54 -0.68 0.17
C LEU A 240 16.34 -1.60 0.46
N GLN A 241 16.09 -2.57 -0.43
CA GLN A 241 14.99 -3.51 -0.24
C GLN A 241 15.16 -4.33 1.01
N LEU A 242 16.38 -4.78 1.26
CA LEU A 242 16.65 -5.64 2.40
C LEU A 242 16.52 -4.85 3.69
N VAL A 243 17.10 -3.65 3.71
CA VAL A 243 17.03 -2.79 4.89
C VAL A 243 15.60 -2.35 5.21
N ALA A 244 14.85 -1.98 4.17
CA ALA A 244 13.43 -1.70 4.33
C ALA A 244 12.73 -2.85 5.05
N GLU A 245 13.09 -4.09 4.73
CA GLU A 245 12.49 -5.25 5.41
C GLU A 245 12.92 -5.32 6.88
N THR A 246 14.20 -5.15 7.15
CA THR A 246 14.67 -5.08 8.52
C THR A 246 13.96 -3.99 9.33
N ILE A 247 13.92 -2.76 8.82
CA ILE A 247 13.27 -1.66 9.52
C ILE A 247 11.80 -2.01 9.80
N THR A 248 11.14 -2.52 8.78
CA THR A 248 9.72 -2.91 8.86
C THR A 248 9.46 -3.94 9.95
N SER A 249 10.36 -4.92 10.11
CA SER A 249 10.25 -5.89 11.22
C SER A 249 10.39 -5.27 12.64
N HIS A 250 10.91 -4.05 12.76
CA HIS A 250 10.98 -3.41 14.09
C HIS A 250 9.76 -2.51 14.38
N LEU A 251 8.79 -2.43 13.45
CA LEU A 251 7.70 -1.47 13.56
C LEU A 251 6.48 -2.06 14.26
N ARG A 252 5.88 -1.32 15.17
CA ARG A 252 4.52 -1.61 15.65
C ARG A 252 3.49 -1.14 14.62
N ARG A 253 2.24 -1.50 14.88
CA ARG A 253 1.12 -1.18 13.98
C ARG A 253 0.92 0.32 13.86
N SER A 254 1.30 1.03 14.92
CA SER A 254 1.15 2.45 14.96
C SER A 254 2.34 3.21 14.32
N ASP A 255 3.40 2.51 13.92
CA ASP A 255 4.59 3.20 13.35
C ASP A 255 4.58 3.15 11.85
N VAL A 256 5.21 4.13 11.19
CA VAL A 256 5.14 4.28 9.73
C VAL A 256 6.57 4.42 9.20
N VAL A 257 6.85 3.82 8.06
CA VAL A 257 8.12 3.96 7.39
C VAL A 257 7.96 4.51 5.99
N GLY A 258 8.86 5.42 5.62
CA GLY A 258 8.89 5.96 4.27
C GLY A 258 10.28 6.22 3.73
N ARG A 259 10.35 6.55 2.45
CA ARG A 259 11.60 6.93 1.81
C ARG A 259 11.72 8.41 2.09
N TYR A 260 12.89 8.82 2.52
CA TYR A 260 13.08 10.20 2.80
C TYR A 260 13.89 10.89 1.70
N ASP A 261 15.14 10.48 1.47
CA ASP A 261 16.12 11.31 0.70
C ASP A 261 16.81 10.70 -0.53
N GLY A 262 16.70 9.38 -0.71
CA GLY A 262 17.24 8.69 -1.87
C GLY A 262 17.95 7.41 -1.50
N ASP A 263 18.64 7.44 -0.37
CA ASP A 263 19.26 6.27 0.24
C ASP A 263 18.79 6.22 1.68
N GLU A 264 17.89 7.13 2.02
CA GLU A 264 17.61 7.45 3.40
C GLU A 264 16.14 7.14 3.75
N PHE A 265 15.93 6.54 4.93
CA PHE A 265 14.58 6.15 5.39
C PHE A 265 14.15 7.05 6.55
N VAL A 266 12.82 7.26 6.64
CA VAL A 266 12.24 8.02 7.72
C VAL A 266 11.17 7.14 8.36
N VAL A 267 11.14 7.17 9.69
CA VAL A 267 10.19 6.41 10.49
C VAL A 267 9.49 7.35 11.46
N TYR A 268 8.17 7.19 11.54
CA TYR A 268 7.37 7.87 12.52
C TYR A 268 7.00 6.90 13.62
N LEU A 269 7.36 7.25 14.84
CA LEU A 269 7.17 6.38 16.00
C LEU A 269 6.10 7.01 16.88
N SER A 270 5.11 6.21 17.25
CA SER A 270 4.07 6.68 18.14
C SER A 270 3.37 5.51 18.84
N PRO A 271 3.25 5.54 20.18
CA PRO A 271 3.77 6.51 21.14
C PRO A 271 5.22 6.19 21.43
N VAL A 272 5.97 7.21 21.85
CA VAL A 272 7.35 7.03 22.24
C VAL A 272 7.45 7.13 23.75
N GLU A 273 8.15 6.18 24.34
CA GLU A 273 8.55 6.24 25.71
C GLU A 273 10.01 6.69 25.65
N PRO A 274 10.31 7.90 26.17
CA PRO A 274 11.65 8.44 25.99
C PRO A 274 12.70 7.54 26.63
N ALA A 275 12.32 6.91 27.75
CA ALA A 275 13.18 5.94 28.43
C ALA A 275 13.67 4.81 27.52
N SER A 276 12.88 4.41 26.53
CA SER A 276 13.22 3.25 25.72
C SER A 276 13.58 3.57 24.25
N LEU A 277 13.72 4.86 23.93
CA LEU A 277 14.01 5.29 22.57
C LEU A 277 15.44 4.95 22.15
N ARG A 278 16.41 5.12 23.06
CA ARG A 278 17.78 4.83 22.68
C ARG A 278 17.88 3.34 22.38
N THR A 279 17.19 2.52 23.17
CA THR A 279 17.20 1.07 22.99
C THR A 279 16.63 0.67 21.64
N VAL A 280 15.48 1.22 21.28
CA VAL A 280 14.83 0.86 20.00
C VAL A 280 15.73 1.27 18.85
N ALA A 281 16.32 2.46 18.92
CA ALA A 281 17.16 2.93 17.82
C ALA A 281 18.42 2.09 17.72
N GLU A 282 19.00 1.75 18.88
CA GLU A 282 20.26 0.98 18.90
C GLU A 282 20.04 -0.45 18.41
N ASN A 283 18.89 -1.01 18.76
CA ASN A 283 18.55 -2.35 18.33
C ASN A 283 18.26 -2.41 16.84
N LEU A 284 17.66 -1.36 16.29
CA LEU A 284 17.50 -1.25 14.83
C LEU A 284 18.86 -1.17 14.13
N ARG A 285 19.74 -0.31 14.61
CA ARG A 285 21.08 -0.24 14.02
CA ARG A 285 21.10 -0.24 14.03
C ARG A 285 21.75 -1.62 14.01
N ARG A 286 21.73 -2.31 15.16
CA ARG A 286 22.37 -3.64 15.24
C ARG A 286 21.71 -4.60 14.23
N SER A 287 20.37 -4.62 14.20
CA SER A 287 19.65 -5.49 13.27
C SER A 287 19.99 -5.20 11.83
N ILE A 288 20.05 -3.91 11.48
CA ILE A 288 20.30 -3.52 10.10
C ILE A 288 21.64 -4.07 9.70
N GLU A 289 22.64 -3.88 10.55
CA GLU A 289 24.00 -4.21 10.18
C GLU A 289 24.21 -5.73 10.17
N GLU A 290 23.69 -6.42 11.20
CA GLU A 290 23.79 -7.87 11.27
C GLU A 290 22.98 -8.60 10.18
N GLU A 291 21.76 -8.16 9.89
CA GLU A 291 20.97 -8.79 8.82
C GLU A 291 21.49 -8.48 7.40
N SER A 292 22.45 -7.58 7.27
CA SER A 292 23.04 -7.25 5.96
C SER A 292 24.39 -7.96 5.69
N ALA A 293 24.93 -8.66 6.68
CA ALA A 293 26.19 -9.40 6.52
C ALA A 293 26.24 -10.26 5.24
N ARG A 294 25.16 -10.99 4.97
CA ARG A 294 25.13 -12.00 3.91
C ARG A 294 24.84 -11.42 2.52
N VAL A 296 26.01 -7.47 1.59
CA VAL A 296 27.15 -6.57 1.57
C VAL A 296 27.09 -5.92 2.95
N PRO A 297 28.24 -5.79 3.63
CA PRO A 297 28.19 -5.05 4.89
C PRO A 297 27.68 -3.60 4.72
N VAL A 298 26.83 -3.19 5.65
CA VAL A 298 26.22 -1.87 5.65
C VAL A 298 26.45 -1.27 7.03
N THR A 299 26.82 0.02 7.06
CA THR A 299 26.86 0.80 8.30
C THR A 299 25.61 1.68 8.35
N ALA A 300 24.84 1.59 9.43
CA ALA A 300 23.68 2.45 9.64
C ALA A 300 24.03 3.60 10.59
N SER A 301 23.68 4.80 10.19
CA SER A 301 23.66 5.94 11.09
C SER A 301 22.19 6.29 11.34
N ILE A 302 21.85 6.57 12.58
CA ILE A 302 20.47 6.88 12.93
C ILE A 302 20.39 8.13 13.78
N GLY A 303 19.57 9.09 13.34
CA GLY A 303 19.22 10.27 14.14
C GLY A 303 17.74 10.21 14.53
N VAL A 304 17.44 10.52 15.78
CA VAL A 304 16.06 10.48 16.23
CA VAL A 304 16.10 10.41 16.36
C VAL A 304 15.74 11.63 17.20
N ALA A 305 14.57 12.23 16.97
CA ALA A 305 14.06 13.29 17.84
C ALA A 305 12.65 12.89 18.26
N GLN A 306 12.28 13.27 19.47
CA GLN A 306 10.94 12.96 19.98
C GLN A 306 10.34 14.18 20.67
N GLY A 307 9.01 14.25 20.72
CA GLY A 307 8.40 15.31 21.52
C GLY A 307 6.89 15.24 21.53
N ILE A 308 6.31 16.17 22.26
CA ILE A 308 4.87 16.35 22.39
C ILE A 308 4.49 17.57 21.55
N LEU A 309 3.47 17.43 20.73
CA LEU A 309 3.11 18.41 19.69
C LEU A 309 2.20 19.46 20.29
N GLY A 310 2.41 20.70 19.86
CA GLY A 310 1.55 21.81 20.25
C GLY A 310 0.46 21.98 19.22
N THR A 311 -0.23 23.11 19.26
CA THR A 311 -1.39 23.31 18.39
C THR A 311 -0.99 23.35 16.90
N ASP A 312 0.21 23.82 16.61
CA ASP A 312 0.71 23.82 15.24
C ASP A 312 1.35 22.48 15.01
N VAL A 313 0.52 21.51 14.61
CA VAL A 313 0.91 20.14 14.39
C VAL A 313 1.90 20.01 13.22
N ASP A 314 1.58 20.64 12.09
CA ASP A 314 2.50 20.59 10.94
C ASP A 314 3.87 21.14 11.34
N GLY A 315 3.89 22.27 12.05
CA GLY A 315 5.13 22.90 12.55
C GLY A 315 5.89 21.96 13.49
N GLY A 316 5.15 21.25 14.32
CA GLY A 316 5.74 20.27 15.21
C GLY A 316 6.45 19.14 14.49
N ILE A 317 5.79 18.51 13.51
CA ILE A 317 6.38 17.42 12.76
C ILE A 317 7.60 17.94 11.99
N GLU A 318 7.45 19.12 11.36
CA GLU A 318 8.58 19.79 10.68
C GLU A 318 9.75 19.91 11.65
N GLU A 319 9.49 20.39 12.84
CA GLU A 319 10.54 20.58 13.82
C GLU A 319 11.27 19.27 14.17
N LEU A 320 10.50 18.21 14.40
CA LEU A 320 11.08 16.91 14.73
C LEU A 320 11.94 16.38 13.59
N VAL A 321 11.49 16.57 12.35
CA VAL A 321 12.31 16.15 11.22
C VAL A 321 13.64 16.93 11.24
N ARG A 322 13.54 18.24 11.43
CA ARG A 322 14.73 19.10 11.51
C ARG A 322 15.68 18.65 12.61
N LEU A 323 15.16 18.37 13.80
CA LEU A 323 15.98 17.88 14.91
C LEU A 323 16.59 16.51 14.60
N ALA A 324 15.78 15.58 14.08
CA ALA A 324 16.29 14.26 13.73
C ALA A 324 17.43 14.39 12.74
N ASP A 325 17.28 15.29 11.79
CA ASP A 325 18.29 15.47 10.77
C ASP A 325 19.61 15.97 11.37
N GLU A 326 19.55 16.88 12.35
CA GLU A 326 20.82 17.31 12.94
C GLU A 326 21.42 16.17 13.73
N CYS A 327 20.59 15.34 14.37
CA CYS A 327 21.10 14.15 15.05
C CYS A 327 21.75 13.23 14.04
N LEU A 328 21.10 13.02 12.89
CA LEU A 328 21.66 12.17 11.85
C LEU A 328 23.03 12.67 11.39
N GLN A 330 25.28 14.38 13.06
CA GLN A 330 26.23 13.93 14.08
C GLN A 330 26.57 12.45 13.94
N ALA A 331 25.55 11.60 13.97
CA ALA A 331 25.74 10.16 13.88
C ALA A 331 26.60 9.79 12.66
N LYS A 332 26.39 10.46 11.53
CA LYS A 332 27.19 10.17 10.35
C LYS A 332 28.64 10.62 10.51
N TYR A 333 28.84 11.87 10.94
CA TYR A 333 30.11 12.57 10.75
C TYR A 333 30.86 12.83 12.05
N THR A 334 30.15 13.31 13.05
CA THR A 334 30.67 13.35 14.43
C THR A 334 30.17 12.09 15.15
N GLY A 335 30.18 10.96 14.43
CA GLY A 335 29.58 9.74 14.93
C GLY A 335 30.51 9.01 15.89
N LYS A 336 30.73 9.60 17.08
CA LYS A 336 31.28 8.85 18.20
C LYS A 336 30.27 7.70 18.42
N ASN A 337 29.01 8.08 18.57
CA ASN A 337 27.90 7.14 18.43
C ASN A 337 27.36 7.27 17.00
N LYS A 338 26.90 6.15 16.44
CA LYS A 338 26.21 6.17 15.17
C LYS A 338 24.69 6.23 15.38
N VAL A 339 24.26 6.21 16.63
CA VAL A 339 22.87 6.47 17.02
C VAL A 339 22.83 7.69 17.96
N VAL A 340 22.26 8.79 17.49
CA VAL A 340 22.17 10.03 18.24
C VAL A 340 20.70 10.33 18.51
N VAL A 341 20.35 10.46 19.79
CA VAL A 341 18.95 10.64 20.22
C VAL A 341 18.81 11.99 20.90
N LYS A 342 17.64 12.61 20.74
CA LYS A 342 17.28 13.84 21.43
C LYS A 342 15.77 13.78 21.81
#